data_7BVT
#
_entry.id   7BVT
#
_cell.length_a   92.077
_cell.length_b   92.077
_cell.length_c   161.584
_cell.angle_alpha   90.000
_cell.angle_beta   90.000
_cell.angle_gamma   120.000
#
_symmetry.space_group_name_H-M   'P 61 2 2'
#
loop_
_entity.id
_entity.type
_entity.pdbx_description
1 polymer 'Hypothetical sugar ABC-transporter sugar binding protein'
2 branched alpha-D-glucopyranose-(1-6)-alpha-D-glucopyranose-(1-4)-alpha-D-glucopyranose
3 water water
#
_entity_poly.entity_id   1
_entity_poly.type   'polypeptide(L)'
_entity_poly.pdbx_seq_one_letter_code
;MGSSHHHHHHSSGLVPRGSHMAPGDGPVEVTVWHYWDGTNADAFDAMVDTYNASQSDVRISASNVPNSDFLTKLRASATS
DTLPDIAIGDLVWVPQIADIGTLADLNGRIPDDTLTDVNDALTSFGTIDGKQVSVPVSANNLGYMYNKTLFAEAGLDPEN
PPTTWDELKAAGQTILDETGKPGYDLYTQAGDSGEGLTWNFQVNLWQAGGDFLTADNSAAAFNTPEGAEALQYWVDLIDS
GVSPYAKWGEFEKGQGGSAQEGSWMVGIWAADPPFEFGTAQVPYPSDGEPATNLGGEQAMVFENSDAEDDAAADFLSWFL
EPDQVTEWSKETGMLPVLDSVATGSAYLEWVESTEPRLLPYVEQMADAHARPNTALYPTVSLAFAQEIEKALAGEASVDD
ALDAAEQAVNAVLKNG
;
_entity_poly.pdbx_strand_id   A
#
loop_
_chem_comp.id
_chem_comp.type
_chem_comp.name
_chem_comp.formula
GLC D-saccharide, alpha linking alpha-D-glucopyranose 'C6 H12 O6'
#
# COMPACT_ATOMS: atom_id res chain seq x y z
N GLY A 26 -34.14 -6.50 20.26
CA GLY A 26 -32.89 -5.66 20.21
C GLY A 26 -32.04 -5.98 18.98
N PRO A 27 -31.01 -5.18 18.66
CA PRO A 27 -30.22 -5.38 17.44
C PRO A 27 -29.36 -6.65 17.40
N VAL A 28 -28.96 -7.08 16.22
CA VAL A 28 -27.89 -8.09 16.06
C VAL A 28 -26.58 -7.42 16.49
N GLU A 29 -25.86 -8.01 17.44
CA GLU A 29 -24.59 -7.47 17.97
C GLU A 29 -23.46 -7.94 17.07
N VAL A 30 -22.67 -7.01 16.55
CA VAL A 30 -21.58 -7.29 15.60
C VAL A 30 -20.33 -6.65 16.18
N THR A 31 -19.32 -7.47 16.35
CA THR A 31 -18.03 -6.99 16.85
C THR A 31 -17.07 -6.68 15.69
N VAL A 32 -16.31 -5.61 15.83
CA VAL A 32 -15.29 -5.18 14.84
C VAL A 32 -13.98 -5.02 15.59
N TRP A 33 -12.94 -5.70 15.17
CA TRP A 33 -11.58 -5.42 15.66
C TRP A 33 -10.79 -4.71 14.57
N HIS A 34 -10.05 -3.68 14.96
CA HIS A 34 -9.25 -2.88 14.01
C HIS A 34 -7.99 -2.46 14.77
N TYR A 35 -7.03 -1.86 14.08
CA TYR A 35 -5.76 -1.44 14.75
C TYR A 35 -5.60 0.08 14.66
N TRP A 36 -6.60 0.82 14.25
CA TRP A 36 -6.48 2.29 14.14
C TRP A 36 -6.26 2.92 15.53
N ASP A 37 -5.46 3.99 15.51
CA ASP A 37 -5.22 4.90 16.65
C ASP A 37 -5.56 6.32 16.24
N GLY A 38 -5.52 7.22 17.21
CA GLY A 38 -5.46 8.65 16.88
C GLY A 38 -6.67 9.10 16.13
N THR A 39 -6.46 10.02 15.19
CA THR A 39 -7.44 10.61 14.26
C THR A 39 -8.26 9.50 13.60
N ASN A 40 -7.56 8.48 13.11
CA ASN A 40 -8.20 7.37 12.34
C ASN A 40 -9.20 6.64 13.24
N ALA A 41 -8.83 6.33 14.48
CA ALA A 41 -9.71 5.62 15.41
C ALA A 41 -10.86 6.55 15.82
N ASP A 42 -10.58 7.83 16.06
CA ASP A 42 -11.68 8.80 16.35
C ASP A 42 -12.66 8.87 15.18
N ALA A 43 -12.15 8.93 13.95
CA ALA A 43 -13.01 9.01 12.75
C ALA A 43 -13.87 7.73 12.68
N PHE A 44 -13.25 6.58 12.89
CA PHE A 44 -13.96 5.31 12.76
C PHE A 44 -15.03 5.20 13.84
N ASP A 45 -14.68 5.53 15.09
CA ASP A 45 -15.68 5.52 16.18
C ASP A 45 -16.83 6.45 15.84
N ALA A 46 -16.61 7.62 15.24
CA ALA A 46 -17.69 8.57 14.91
C ALA A 46 -18.62 7.93 13.86
N MET A 47 -18.02 7.21 12.90
CA MET A 47 -18.81 6.54 11.83
C MET A 47 -19.62 5.38 12.42
N VAL A 48 -19.04 4.64 13.36
CA VAL A 48 -19.75 3.57 14.09
C VAL A 48 -20.93 4.25 14.80
N ASP A 49 -20.68 5.37 15.48
CA ASP A 49 -21.78 6.07 16.20
C ASP A 49 -22.91 6.39 15.24
N THR A 50 -22.54 6.97 14.09
CA THR A 50 -23.46 7.39 13.04
C THR A 50 -24.28 6.17 12.60
N TYR A 51 -23.62 5.08 12.21
CA TYR A 51 -24.35 3.86 11.79
C TYR A 51 -25.29 3.35 12.89
N ASN A 52 -24.77 3.24 14.11
CA ASN A 52 -25.53 2.72 15.29
C ASN A 52 -26.77 3.59 15.49
N ALA A 53 -26.68 4.89 15.25
CA ALA A 53 -27.83 5.76 15.61
C ALA A 53 -28.80 5.83 14.43
N SER A 54 -28.46 5.26 13.27
CA SER A 54 -29.17 5.42 11.99
C SER A 54 -30.15 4.26 11.78
N GLN A 55 -30.12 3.27 12.65
CA GLN A 55 -31.02 2.10 12.49
C GLN A 55 -30.97 1.30 13.79
N SER A 56 -31.87 0.32 13.91
CA SER A 56 -32.02 -0.49 15.14
C SER A 56 -31.90 -1.99 14.87
N ASP A 57 -31.41 -2.41 13.73
CA ASP A 57 -31.27 -3.85 13.34
C ASP A 57 -29.89 -4.40 13.67
N VAL A 58 -28.86 -3.55 13.66
CA VAL A 58 -27.46 -3.95 13.92
C VAL A 58 -26.86 -2.95 14.89
N ARG A 59 -26.08 -3.45 15.86
CA ARG A 59 -25.25 -2.60 16.75
C ARG A 59 -23.81 -3.07 16.61
N ILE A 60 -22.96 -2.14 16.17
CA ILE A 60 -21.50 -2.38 15.97
C ILE A 60 -20.80 -2.02 17.28
N SER A 61 -19.99 -2.94 17.75
CA SER A 61 -19.07 -2.75 18.89
C SER A 61 -17.66 -2.89 18.34
N ALA A 62 -16.97 -1.77 18.28
CA ALA A 62 -15.61 -1.70 17.72
C ALA A 62 -14.63 -1.72 18.87
N SER A 63 -13.53 -2.44 18.71
CA SER A 63 -12.36 -2.46 19.65
C SER A 63 -11.05 -2.31 18.88
N ASN A 64 -10.14 -1.54 19.44
CA ASN A 64 -8.74 -1.49 18.98
C ASN A 64 -7.99 -2.71 19.48
N VAL A 65 -7.24 -3.34 18.62
CA VAL A 65 -6.22 -4.37 18.92
C VAL A 65 -4.93 -3.85 18.32
N PRO A 66 -3.82 -3.72 19.10
CA PRO A 66 -2.55 -3.25 18.55
C PRO A 66 -2.10 -4.03 17.30
N ASN A 67 -1.60 -3.28 16.34
CA ASN A 67 -1.16 -3.79 15.02
C ASN A 67 -0.29 -5.02 15.27
N SER A 68 0.71 -4.89 16.15
CA SER A 68 1.72 -5.96 16.37
C SER A 68 1.12 -7.19 17.04
N ASP A 69 -0.03 -7.08 17.71
CA ASP A 69 -0.69 -8.18 18.47
C ASP A 69 -1.83 -8.81 17.66
N PHE A 70 -2.17 -8.27 16.49
CA PHE A 70 -3.51 -8.52 15.88
C PHE A 70 -3.62 -9.96 15.37
N LEU A 71 -2.67 -10.45 14.58
CA LEU A 71 -2.72 -11.81 14.04
C LEU A 71 -2.67 -12.81 15.20
N THR A 72 -1.80 -12.56 16.17
CA THR A 72 -1.68 -13.53 17.28
C THR A 72 -3.01 -13.59 18.06
N LYS A 73 -3.70 -12.48 18.21
CA LYS A 73 -5.03 -12.50 18.84
C LYS A 73 -6.02 -13.32 18.00
N LEU A 74 -6.02 -13.12 16.69
CA LEU A 74 -6.94 -13.93 15.86
C LEU A 74 -6.65 -15.44 15.95
N ARG A 75 -5.37 -15.87 15.97
CA ARG A 75 -5.04 -17.29 16.07
C ARG A 75 -5.59 -17.85 17.40
N ALA A 76 -5.38 -17.12 18.51
CA ALA A 76 -5.87 -17.58 19.83
C ALA A 76 -7.41 -17.65 19.82
N SER A 77 -8.04 -16.65 19.22
CA SER A 77 -9.51 -16.51 19.14
C SER A 77 -10.10 -17.65 18.28
N ALA A 78 -9.41 -18.09 17.22
CA ALA A 78 -9.88 -19.26 16.43
C ALA A 78 -9.92 -20.46 17.41
N THR A 79 -8.85 -20.72 18.16
CA THR A 79 -8.77 -21.87 19.11
C THR A 79 -9.87 -21.74 20.18
N SER A 80 -10.07 -20.57 20.76
CA SER A 80 -11.11 -20.36 21.80
C SER A 80 -12.52 -20.17 21.28
N ASP A 81 -12.73 -20.19 19.95
CA ASP A 81 -14.04 -19.91 19.30
C ASP A 81 -14.60 -18.56 19.77
N THR A 82 -13.76 -17.49 19.79
CA THR A 82 -14.18 -16.11 20.13
C THR A 82 -13.66 -15.12 19.08
N LEU A 83 -13.68 -15.55 17.83
CA LEU A 83 -13.33 -14.64 16.73
C LEU A 83 -14.33 -13.50 16.71
N PRO A 84 -13.92 -12.32 16.23
CA PRO A 84 -14.80 -11.18 16.07
C PRO A 84 -15.66 -11.46 14.83
N ASP A 85 -16.66 -10.66 14.64
CA ASP A 85 -17.52 -10.81 13.45
C ASP A 85 -16.80 -10.17 12.25
N ILE A 86 -16.20 -9.01 12.45
CA ILE A 86 -15.40 -8.28 11.44
C ILE A 86 -13.97 -8.11 11.97
N ALA A 87 -12.98 -8.44 11.17
CA ALA A 87 -11.59 -7.99 11.38
C ALA A 87 -11.19 -6.98 10.31
N ILE A 88 -10.54 -5.92 10.69
CA ILE A 88 -9.98 -4.95 9.72
C ILE A 88 -8.47 -5.01 9.85
N GLY A 89 -7.80 -5.51 8.80
CA GLY A 89 -6.37 -5.81 8.82
C GLY A 89 -5.63 -5.17 7.69
N ASP A 90 -4.32 -5.31 7.70
CA ASP A 90 -3.47 -4.87 6.57
C ASP A 90 -3.77 -5.73 5.35
N LEU A 91 -3.59 -5.14 4.15
CA LEU A 91 -3.72 -5.88 2.87
C LEU A 91 -3.08 -7.26 2.95
N VAL A 92 -1.81 -7.31 3.28
CA VAL A 92 -1.03 -8.57 3.14
C VAL A 92 -1.47 -9.57 4.23
N TRP A 93 -2.27 -9.15 5.20
CA TRP A 93 -2.77 -10.12 6.22
C TRP A 93 -3.91 -10.95 5.68
N VAL A 94 -4.67 -10.46 4.72
CA VAL A 94 -5.94 -11.13 4.33
C VAL A 94 -5.71 -12.60 4.07
N PRO A 95 -4.75 -13.03 3.24
CA PRO A 95 -4.60 -14.45 2.95
C PRO A 95 -4.23 -15.27 4.17
N GLN A 96 -3.52 -14.66 5.12
CA GLN A 96 -3.19 -15.37 6.37
C GLN A 96 -4.45 -15.53 7.22
N ILE A 97 -5.22 -14.46 7.32
CA ILE A 97 -6.47 -14.50 8.14
C ILE A 97 -7.45 -15.50 7.56
N ALA A 98 -7.50 -15.63 6.24
CA ALA A 98 -8.40 -16.57 5.56
C ALA A 98 -8.07 -18.02 5.99
N ASP A 99 -6.84 -18.31 6.40
CA ASP A 99 -6.42 -19.64 6.90
C ASP A 99 -6.67 -19.76 8.40
N ILE A 100 -6.90 -18.67 9.13
CA ILE A 100 -7.11 -18.70 10.61
C ILE A 100 -8.55 -19.09 10.89
N GLY A 101 -9.47 -18.54 10.13
CA GLY A 101 -10.89 -18.76 10.31
C GLY A 101 -11.59 -18.60 8.99
N THR A 102 -12.68 -19.33 8.77
CA THR A 102 -13.45 -19.32 7.53
C THR A 102 -14.06 -17.92 7.35
N LEU A 103 -13.76 -17.28 6.24
CA LEU A 103 -14.29 -15.95 5.95
C LEU A 103 -15.52 -16.09 5.07
N ALA A 104 -16.53 -15.30 5.38
CA ALA A 104 -17.76 -15.22 4.57
C ALA A 104 -17.47 -14.62 3.20
N ASP A 105 -18.23 -15.08 2.21
CA ASP A 105 -18.17 -14.45 0.88
C ASP A 105 -19.02 -13.18 0.89
N LEU A 106 -18.41 -12.04 0.56
CA LEU A 106 -19.10 -10.73 0.60
C LEU A 106 -19.90 -10.54 -0.66
N ASN A 107 -19.63 -11.33 -1.69
CA ASN A 107 -20.48 -11.27 -2.88
C ASN A 107 -21.89 -11.74 -2.51
N GLY A 108 -22.87 -10.97 -2.94
CA GLY A 108 -24.27 -11.22 -2.58
C GLY A 108 -24.65 -10.66 -1.22
N ARG A 109 -23.69 -10.07 -0.50
CA ARG A 109 -23.96 -9.46 0.84
C ARG A 109 -23.77 -7.95 0.73
N ILE A 110 -22.71 -7.51 0.13
CA ILE A 110 -22.48 -6.09 -0.22
C ILE A 110 -23.05 -5.86 -1.59
N PRO A 111 -23.72 -4.73 -1.88
CA PRO A 111 -24.35 -4.55 -3.19
C PRO A 111 -23.34 -4.70 -4.33
N ASP A 112 -23.78 -5.38 -5.37
CA ASP A 112 -22.95 -5.61 -6.55
C ASP A 112 -22.36 -4.28 -7.05
N ASP A 113 -23.14 -3.21 -7.13
CA ASP A 113 -22.63 -1.93 -7.70
C ASP A 113 -21.55 -1.34 -6.78
N THR A 114 -21.62 -1.57 -5.48
CA THR A 114 -20.54 -1.10 -4.57
C THR A 114 -19.26 -1.89 -4.90
N LEU A 115 -19.38 -3.22 -4.96
CA LEU A 115 -18.16 -4.05 -5.20
C LEU A 115 -17.57 -3.74 -6.60
N THR A 116 -18.39 -3.48 -7.59
CA THR A 116 -17.90 -3.10 -8.95
C THR A 116 -17.10 -1.80 -8.91
N ASP A 117 -17.53 -0.85 -8.08
CA ASP A 117 -16.94 0.51 -8.01
C ASP A 117 -15.63 0.43 -7.25
N VAL A 118 -15.57 -0.42 -6.21
CA VAL A 118 -14.31 -0.59 -5.46
C VAL A 118 -13.18 -0.85 -6.46
N ASN A 119 -12.03 -0.30 -6.19
CA ASN A 119 -10.79 -0.52 -6.96
C ASN A 119 -10.60 -2.00 -7.32
N ASP A 120 -10.41 -2.30 -8.61
CA ASP A 120 -10.40 -3.71 -9.06
C ASP A 120 -9.19 -4.47 -8.51
N ALA A 121 -8.04 -3.84 -8.41
CA ALA A 121 -6.84 -4.52 -7.91
C ALA A 121 -7.16 -5.01 -6.49
N LEU A 122 -7.88 -4.20 -5.71
CA LEU A 122 -8.23 -4.58 -4.31
C LEU A 122 -9.33 -5.64 -4.22
N THR A 123 -10.35 -5.63 -5.06
CA THR A 123 -11.35 -6.72 -5.03
C THR A 123 -10.69 -7.99 -5.56
N SER A 124 -9.82 -7.88 -6.56
CA SER A 124 -9.13 -9.10 -7.06
C SER A 124 -8.27 -9.72 -5.97
N PHE A 125 -7.50 -8.90 -5.31
CA PHE A 125 -6.65 -9.28 -4.17
C PHE A 125 -7.53 -10.00 -3.14
N GLY A 126 -8.70 -9.44 -2.85
CA GLY A 126 -9.62 -9.96 -1.83
C GLY A 126 -10.41 -11.20 -2.21
N THR A 127 -10.14 -11.75 -3.40
CA THR A 127 -10.82 -12.94 -3.91
C THR A 127 -9.92 -14.15 -3.61
N ILE A 128 -10.39 -15.00 -2.72
CA ILE A 128 -9.68 -16.25 -2.32
C ILE A 128 -10.65 -17.42 -2.43
N ASP A 129 -10.24 -18.46 -3.17
CA ASP A 129 -11.07 -19.66 -3.49
C ASP A 129 -12.41 -19.17 -4.06
N GLY A 130 -12.34 -18.13 -4.88
CA GLY A 130 -13.51 -17.65 -5.66
C GLY A 130 -14.40 -16.70 -4.87
N LYS A 131 -14.21 -16.60 -3.56
CA LYS A 131 -15.06 -15.79 -2.64
C LYS A 131 -14.44 -14.41 -2.44
N GLN A 132 -15.28 -13.40 -2.36
CA GLN A 132 -14.80 -12.05 -2.02
C GLN A 132 -14.66 -12.04 -0.49
N VAL A 133 -13.50 -12.44 0.00
CA VAL A 133 -13.32 -12.67 1.46
C VAL A 133 -12.87 -11.37 2.16
N SER A 134 -12.37 -10.39 1.42
CA SER A 134 -12.05 -9.05 1.95
C SER A 134 -12.54 -7.96 0.99
N VAL A 135 -12.75 -6.79 1.56
CA VAL A 135 -12.99 -5.57 0.77
C VAL A 135 -12.13 -4.50 1.40
N PRO A 136 -11.50 -3.63 0.63
CA PRO A 136 -10.78 -2.52 1.23
C PRO A 136 -11.74 -1.50 1.85
N VAL A 137 -11.34 -0.95 3.00
CA VAL A 137 -12.06 0.15 3.67
C VAL A 137 -11.16 1.36 3.82
N SER A 138 -9.89 1.25 3.44
CA SER A 138 -9.02 2.44 3.25
C SER A 138 -7.97 2.08 2.20
N ALA A 139 -7.35 3.05 1.61
CA ALA A 139 -6.25 2.77 0.66
C ALA A 139 -5.18 3.83 0.81
N ASN A 140 -4.00 3.46 0.35
CA ASN A 140 -2.85 4.36 0.22
C ASN A 140 -1.99 3.81 -0.91
N ASN A 141 -1.05 4.60 -1.38
CA ASN A 141 -0.12 4.15 -2.43
C ASN A 141 1.17 4.96 -2.35
N LEU A 142 2.16 4.45 -3.06
CA LEU A 142 3.50 5.06 -3.04
C LEU A 142 3.56 6.13 -4.12
N GLY A 143 4.19 7.23 -3.76
CA GLY A 143 4.36 8.37 -4.64
C GLY A 143 5.76 8.88 -4.54
N TYR A 144 6.03 9.89 -5.34
CA TYR A 144 7.34 10.56 -5.33
C TYR A 144 7.21 11.85 -4.53
N MET A 145 8.06 12.00 -3.53
CA MET A 145 8.13 13.26 -2.75
C MET A 145 9.51 13.85 -2.90
N TYR A 146 9.59 15.18 -2.90
CA TYR A 146 10.88 15.83 -3.09
C TYR A 146 10.92 17.12 -2.28
N ASN A 147 12.14 17.59 -2.11
CA ASN A 147 12.43 18.80 -1.30
C ASN A 147 12.61 19.96 -2.28
N LYS A 148 11.68 20.91 -2.28
CA LYS A 148 11.72 21.97 -3.30
C LYS A 148 12.92 22.88 -3.02
N THR A 149 13.24 23.13 -1.74
CA THR A 149 14.35 24.07 -1.41
C THR A 149 15.67 23.48 -1.92
N LEU A 150 15.88 22.18 -1.67
CA LEU A 150 17.13 21.52 -2.12
C LEU A 150 17.20 21.45 -3.65
N PHE A 151 16.09 21.09 -4.33
CA PHE A 151 16.00 21.14 -5.80
C PHE A 151 16.41 22.52 -6.31
N ALA A 152 15.90 23.57 -5.67
CA ALA A 152 16.19 24.95 -6.13
C ALA A 152 17.67 25.26 -5.90
N GLU A 153 18.22 24.86 -4.76
CA GLU A 153 19.64 25.07 -4.41
C GLU A 153 20.53 24.40 -5.46
N ALA A 154 20.08 23.30 -6.03
CA ALA A 154 20.90 22.53 -6.98
C ALA A 154 20.77 23.10 -8.37
N GLY A 155 19.92 24.11 -8.60
CA GLY A 155 19.69 24.65 -9.95
C GLY A 155 18.57 23.97 -10.69
N LEU A 156 17.77 23.10 -10.01
CA LEU A 156 16.53 22.55 -10.62
C LEU A 156 15.36 23.49 -10.42
N ASP A 157 14.37 23.36 -11.28
CA ASP A 157 13.05 24.03 -11.14
C ASP A 157 12.33 23.35 -9.99
N PRO A 158 12.06 24.07 -8.86
CA PRO A 158 11.41 23.45 -7.70
C PRO A 158 9.96 23.00 -7.95
N GLU A 159 9.37 23.33 -9.11
CA GLU A 159 7.94 23.01 -9.42
C GLU A 159 7.88 21.96 -10.52
N ASN A 160 9.00 21.35 -10.93
CA ASN A 160 9.12 20.51 -12.14
C ASN A 160 9.78 19.18 -11.76
N PRO A 161 9.15 18.28 -10.96
CA PRO A 161 9.86 17.07 -10.58
C PRO A 161 10.11 16.20 -11.80
N PRO A 162 11.01 15.22 -11.64
CA PRO A 162 11.26 14.26 -12.71
C PRO A 162 10.02 13.44 -13.07
N THR A 163 9.91 13.04 -14.34
CA THR A 163 8.73 12.27 -14.82
C THR A 163 9.17 10.90 -15.30
N THR A 164 10.45 10.70 -15.60
CA THR A 164 11.00 9.43 -16.06
C THR A 164 12.15 8.97 -15.14
N TRP A 165 12.55 7.70 -15.27
CA TRP A 165 13.75 7.19 -14.56
C TRP A 165 14.99 7.98 -14.98
N ASP A 166 15.08 8.28 -16.26
CA ASP A 166 16.26 9.02 -16.76
C ASP A 166 16.29 10.43 -16.18
N GLU A 167 15.16 11.09 -16.09
CA GLU A 167 15.06 12.41 -15.48
C GLU A 167 15.45 12.35 -14.01
N LEU A 168 15.02 11.31 -13.30
CA LEU A 168 15.32 11.19 -11.86
C LEU A 168 16.81 10.98 -11.72
N LYS A 169 17.42 10.11 -12.53
CA LYS A 169 18.86 9.86 -12.35
C LYS A 169 19.62 11.17 -12.63
N ALA A 170 19.23 11.92 -13.65
CA ALA A 170 19.95 13.17 -14.07
C ALA A 170 19.71 14.27 -13.03
N ALA A 171 18.47 14.46 -12.59
CA ALA A 171 18.19 15.48 -11.55
C ALA A 171 18.86 15.08 -10.25
N GLY A 172 18.83 13.80 -9.87
CA GLY A 172 19.53 13.38 -8.65
C GLY A 172 21.02 13.62 -8.77
N GLN A 173 21.59 13.35 -9.94
CA GLN A 173 23.03 13.59 -10.17
C GLN A 173 23.35 15.07 -9.96
N THR A 174 22.53 15.94 -10.45
CA THR A 174 22.72 17.40 -10.25
C THR A 174 22.68 17.73 -8.75
N ILE A 175 21.73 17.21 -8.02
CA ILE A 175 21.65 17.47 -6.57
C ILE A 175 22.94 16.99 -5.90
N LEU A 176 23.40 15.79 -6.23
CA LEU A 176 24.61 15.26 -5.58
C LEU A 176 25.81 16.17 -5.96
N ASP A 177 25.96 16.47 -7.24
CA ASP A 177 27.13 17.22 -7.81
C ASP A 177 27.15 18.60 -7.15
N GLU A 178 26.00 19.27 -7.07
CA GLU A 178 25.88 20.68 -6.62
C GLU A 178 25.83 20.79 -5.10
N THR A 179 25.33 19.81 -4.35
CA THR A 179 25.12 19.98 -2.88
C THR A 179 25.84 18.94 -2.02
N GLY A 180 26.37 17.87 -2.60
CA GLY A 180 26.96 16.75 -1.88
C GLY A 180 25.91 15.85 -1.21
N LYS A 181 24.62 16.13 -1.39
CA LYS A 181 23.56 15.36 -0.74
C LYS A 181 22.99 14.31 -1.72
N PRO A 182 22.49 13.18 -1.19
CA PRO A 182 21.82 12.20 -2.05
C PRO A 182 20.65 12.87 -2.75
N GLY A 183 20.50 12.61 -4.06
CA GLY A 183 19.42 13.19 -4.86
C GLY A 183 18.13 12.45 -4.62
N TYR A 184 18.22 11.18 -4.21
CA TYR A 184 17.03 10.29 -4.15
C TYR A 184 17.33 9.15 -3.15
N ASP A 185 16.46 8.91 -2.18
CA ASP A 185 16.68 7.78 -1.23
C ASP A 185 16.10 6.51 -1.84
N LEU A 186 16.84 5.41 -1.72
CA LEU A 186 16.29 4.06 -1.99
C LEU A 186 16.15 3.31 -0.68
N TYR A 187 15.12 2.47 -0.61
CA TYR A 187 14.85 1.64 0.58
C TYR A 187 15.63 0.36 0.38
N THR A 188 16.91 0.34 0.78
CA THR A 188 17.85 -0.70 0.31
C THR A 188 18.13 -1.76 1.36
N GLN A 189 17.63 -1.63 2.60
CA GLN A 189 17.85 -2.69 3.61
C GLN A 189 16.57 -3.47 3.94
N ALA A 190 16.68 -4.80 3.87
CA ALA A 190 15.54 -5.73 4.12
C ALA A 190 14.94 -5.49 5.52
N GLY A 191 15.74 -5.30 6.55
CA GLY A 191 15.16 -5.25 7.91
C GLY A 191 14.44 -6.56 8.29
N ASP A 192 13.54 -6.48 9.26
CA ASP A 192 12.87 -7.66 9.88
C ASP A 192 11.99 -8.38 8.86
N SER A 193 11.25 -7.64 8.01
CA SER A 193 10.21 -8.22 7.11
C SER A 193 10.61 -8.20 5.64
N GLY A 194 11.55 -7.34 5.26
CA GLY A 194 11.90 -7.15 3.83
C GLY A 194 10.93 -6.21 3.12
N GLU A 195 9.84 -5.80 3.74
CA GLU A 195 8.71 -5.23 2.93
C GLU A 195 9.06 -3.83 2.44
N GLY A 196 9.79 -3.01 3.21
CA GLY A 196 10.25 -1.71 2.71
C GLY A 196 10.97 -1.88 1.38
N LEU A 197 11.93 -2.77 1.28
CA LEU A 197 12.67 -2.97 0.02
C LEU A 197 11.71 -3.53 -1.03
N THR A 198 11.04 -4.65 -0.72
CA THR A 198 10.24 -5.38 -1.71
C THR A 198 9.17 -4.45 -2.29
N TRP A 199 8.41 -3.76 -1.47
CA TRP A 199 7.20 -3.06 -1.97
C TRP A 199 7.60 -1.76 -2.68
N ASN A 200 8.75 -1.19 -2.34
CA ASN A 200 9.29 -0.06 -3.14
C ASN A 200 9.80 -0.56 -4.48
N PHE A 201 10.50 -1.70 -4.49
CA PHE A 201 11.01 -2.27 -5.74
C PHE A 201 9.87 -2.70 -6.67
N GLN A 202 8.80 -3.27 -6.12
CA GLN A 202 7.71 -3.78 -6.99
C GLN A 202 7.20 -2.63 -7.86
N VAL A 203 7.15 -1.41 -7.35
CA VAL A 203 6.67 -0.25 -8.13
C VAL A 203 7.44 -0.22 -9.45
N ASN A 204 8.76 -0.25 -9.36
CA ASN A 204 9.63 -0.07 -10.54
C ASN A 204 9.61 -1.34 -11.41
N LEU A 205 9.45 -2.53 -10.81
CA LEU A 205 9.29 -3.79 -11.56
C LEU A 205 8.02 -3.65 -12.43
N TRP A 206 6.89 -3.24 -11.87
CA TRP A 206 5.64 -3.08 -12.64
C TRP A 206 5.74 -1.96 -13.69
N GLN A 207 6.43 -0.86 -13.39
CA GLN A 207 6.57 0.22 -14.37
C GLN A 207 7.37 -0.28 -15.58
N ALA A 208 8.32 -1.18 -15.39
CA ALA A 208 9.13 -1.76 -16.49
C ALA A 208 8.32 -2.81 -17.29
N GLY A 209 7.10 -3.13 -16.87
CA GLY A 209 6.27 -4.14 -17.58
C GLY A 209 6.47 -5.50 -16.99
N GLY A 210 7.10 -5.59 -15.82
CA GLY A 210 7.45 -6.85 -15.15
C GLY A 210 6.32 -7.37 -14.28
N ASP A 211 6.46 -8.59 -13.80
CA ASP A 211 5.53 -9.26 -12.88
C ASP A 211 6.34 -9.71 -11.69
N PHE A 212 5.70 -9.81 -10.52
CA PHE A 212 6.38 -10.28 -9.30
C PHE A 212 6.24 -11.80 -9.20
N LEU A 213 5.01 -12.28 -8.97
CA LEU A 213 4.74 -13.74 -9.09
C LEU A 213 3.93 -14.01 -10.36
N THR A 214 3.86 -15.29 -10.71
CA THR A 214 2.96 -15.73 -11.82
C THR A 214 1.52 -15.52 -11.38
N ALA A 215 0.58 -15.59 -12.33
CA ALA A 215 -0.85 -15.25 -12.09
C ALA A 215 -1.45 -16.19 -11.03
N ASP A 216 -0.96 -17.43 -10.91
CA ASP A 216 -1.44 -18.36 -9.86
C ASP A 216 -0.58 -18.32 -8.58
N ASN A 217 0.34 -17.36 -8.42
CA ASN A 217 1.21 -17.23 -7.23
C ASN A 217 2.05 -18.50 -7.01
N SER A 218 2.24 -19.33 -8.03
CA SER A 218 3.00 -20.61 -7.83
C SER A 218 4.52 -20.38 -7.95
N ALA A 219 4.95 -19.33 -8.64
CA ALA A 219 6.40 -19.15 -8.86
C ALA A 219 6.72 -17.66 -8.99
N ALA A 220 7.99 -17.35 -8.82
CA ALA A 220 8.51 -16.06 -9.27
C ALA A 220 8.28 -15.77 -10.75
N ALA A 221 8.10 -14.50 -11.09
CA ALA A 221 7.90 -14.04 -12.48
C ALA A 221 8.84 -12.87 -12.82
N PHE A 222 9.72 -12.46 -11.92
CA PHE A 222 10.48 -11.19 -12.05
C PHE A 222 11.87 -11.41 -12.68
N ASN A 223 12.30 -12.63 -12.97
CA ASN A 223 13.68 -12.87 -13.47
C ASN A 223 13.67 -12.79 -14.98
N THR A 224 13.53 -11.57 -15.47
CA THR A 224 13.15 -11.21 -16.83
C THR A 224 13.94 -9.97 -17.22
N PRO A 225 13.93 -9.59 -18.49
CA PRO A 225 14.57 -8.33 -18.89
C PRO A 225 13.96 -7.17 -18.11
N GLU A 226 12.65 -7.26 -17.81
CA GLU A 226 11.92 -6.16 -17.13
C GLU A 226 12.45 -6.08 -15.72
N GLY A 227 12.53 -7.22 -15.03
CA GLY A 227 13.13 -7.27 -13.68
C GLY A 227 14.54 -6.70 -13.66
N ALA A 228 15.38 -7.09 -14.64
CA ALA A 228 16.77 -6.58 -14.68
C ALA A 228 16.78 -5.08 -14.96
N GLU A 229 15.84 -4.58 -15.75
CA GLU A 229 15.75 -3.12 -16.02
C GLU A 229 15.48 -2.40 -14.67
N ALA A 230 14.56 -2.92 -13.88
CA ALA A 230 14.19 -2.27 -12.60
C ALA A 230 15.36 -2.39 -11.63
N LEU A 231 15.98 -3.57 -11.49
CA LEU A 231 17.11 -3.71 -10.54
C LEU A 231 18.35 -2.91 -11.03
N GLN A 232 18.58 -2.84 -12.33
CA GLN A 232 19.72 -2.05 -12.89
C GLN A 232 19.51 -0.58 -12.57
N TYR A 233 18.25 -0.15 -12.53
CA TYR A 233 17.93 1.26 -12.14
C TYR A 233 18.40 1.52 -10.72
N TRP A 234 17.96 0.68 -9.78
CA TRP A 234 18.43 0.78 -8.38
C TRP A 234 19.96 0.76 -8.35
N VAL A 235 20.58 -0.20 -9.03
CA VAL A 235 22.06 -0.37 -8.86
C VAL A 235 22.77 0.83 -9.48
N ASP A 236 22.22 1.37 -10.56
CA ASP A 236 22.81 2.56 -11.23
C ASP A 236 22.71 3.77 -10.31
N LEU A 237 21.58 3.97 -9.64
CA LEU A 237 21.39 5.07 -8.66
C LEU A 237 22.42 4.94 -7.52
N ILE A 238 22.62 3.72 -7.02
CA ILE A 238 23.54 3.49 -5.86
C ILE A 238 24.98 3.72 -6.34
N ASP A 239 25.34 3.16 -7.50
CA ASP A 239 26.73 3.15 -8.04
C ASP A 239 27.13 4.60 -8.30
N SER A 240 26.19 5.44 -8.76
CA SER A 240 26.47 6.89 -9.05
C SER A 240 26.68 7.67 -7.75
N GLY A 241 26.26 7.14 -6.59
CA GLY A 241 26.16 7.89 -5.34
C GLY A 241 24.90 8.75 -5.21
N VAL A 242 24.04 8.78 -6.24
CA VAL A 242 22.76 9.55 -6.16
C VAL A 242 21.89 8.98 -5.03
N SER A 243 21.87 7.65 -4.87
CA SER A 243 21.06 6.94 -3.84
C SER A 243 21.95 6.00 -3.04
N PRO A 244 22.72 6.45 -2.04
CA PRO A 244 23.65 5.54 -1.39
C PRO A 244 22.94 4.35 -0.76
N TYR A 245 23.69 3.26 -0.70
CA TYR A 245 23.28 2.03 0.02
C TYR A 245 23.17 2.29 1.51
N ALA A 246 22.14 1.73 2.14
CA ALA A 246 21.91 1.79 3.61
C ALA A 246 21.87 3.24 4.12
N LYS A 247 21.20 4.12 3.39
CA LYS A 247 21.08 5.56 3.74
C LYS A 247 19.61 6.00 3.61
N TRP A 248 18.66 5.10 3.83
CA TRP A 248 17.23 5.51 3.84
C TRP A 248 17.04 6.59 4.90
N GLY A 249 16.25 7.62 4.62
CA GLY A 249 15.78 8.57 5.66
C GLY A 249 16.51 9.89 5.55
N GLU A 250 17.52 9.99 4.69
CA GLU A 250 18.16 11.32 4.43
C GLU A 250 17.15 12.37 3.95
N PHE A 251 16.22 11.96 3.08
CA PHE A 251 15.20 12.86 2.52
C PHE A 251 14.34 13.37 3.67
N GLU A 252 13.89 12.45 4.52
CA GLU A 252 12.94 12.78 5.60
C GLU A 252 13.59 13.75 6.61
N LYS A 253 14.91 13.66 6.78
CA LYS A 253 15.75 14.56 7.63
C LYS A 253 15.90 15.96 7.01
N GLY A 254 15.44 16.21 5.79
CA GLY A 254 15.73 17.46 5.06
C GLY A 254 17.16 17.48 4.57
N GLN A 255 17.81 16.31 4.45
CA GLN A 255 19.22 16.20 3.94
C GLN A 255 19.27 15.41 2.61
N GLY A 256 18.16 15.36 1.87
CA GLY A 256 18.11 14.54 0.64
C GLY A 256 17.14 15.15 -0.40
N GLY A 257 17.38 14.91 -1.68
CA GLY A 257 16.52 15.44 -2.71
C GLY A 257 15.08 14.89 -2.65
N SER A 258 14.89 13.57 -2.47
CA SER A 258 13.58 12.95 -2.85
C SER A 258 13.56 11.52 -2.35
N ALA A 259 12.36 10.91 -2.42
CA ALA A 259 12.15 9.52 -1.98
C ALA A 259 10.79 9.07 -2.47
N GLN A 260 10.62 7.75 -2.64
CA GLN A 260 9.25 7.21 -2.69
C GLN A 260 8.67 7.28 -1.29
N GLU A 261 7.46 7.82 -1.18
CA GLU A 261 6.76 7.96 0.10
C GLU A 261 5.29 7.56 -0.07
N GLY A 262 4.76 6.95 0.99
CA GLY A 262 3.34 6.65 1.02
C GLY A 262 2.49 7.86 1.17
N SER A 263 1.26 7.79 0.71
CA SER A 263 0.31 8.93 0.66
C SER A 263 0.05 9.41 2.10
N TRP A 264 0.17 8.55 3.10
CA TRP A 264 -0.04 8.98 4.52
C TRP A 264 0.94 10.10 4.89
N MET A 265 2.12 10.18 4.26
CA MET A 265 3.11 11.25 4.61
C MET A 265 2.57 12.62 4.23
N VAL A 266 1.69 12.73 3.25
CA VAL A 266 1.16 14.07 2.85
C VAL A 266 0.46 14.65 4.08
N GLY A 267 -0.31 13.81 4.76
CA GLY A 267 -1.12 14.21 5.91
C GLY A 267 -0.23 14.55 7.09
N ILE A 268 0.69 13.65 7.43
CA ILE A 268 1.66 13.85 8.55
C ILE A 268 2.42 15.16 8.33
N TRP A 269 2.91 15.42 7.13
CA TRP A 269 3.73 16.62 6.84
C TRP A 269 2.91 17.88 6.51
N ALA A 270 1.74 17.78 5.88
CA ALA A 270 1.03 19.01 5.42
C ALA A 270 0.71 19.85 6.67
N ALA A 271 0.68 19.21 7.84
CA ALA A 271 0.45 19.82 9.16
C ALA A 271 1.71 20.52 9.67
N ASP A 272 2.74 19.74 10.01
CA ASP A 272 4.02 20.30 10.54
C ASP A 272 5.17 19.87 9.63
N PRO A 273 5.37 20.55 8.49
CA PRO A 273 6.33 20.08 7.49
C PRO A 273 7.77 20.28 7.91
N PRO A 274 8.68 19.30 7.67
CA PRO A 274 10.08 19.45 8.07
C PRO A 274 10.82 20.31 7.05
N PHE A 275 10.21 20.58 5.90
CA PHE A 275 10.71 21.40 4.77
C PHE A 275 9.59 21.52 3.72
N GLU A 276 9.76 22.38 2.71
CA GLU A 276 8.83 22.61 1.60
C GLU A 276 8.94 21.40 0.69
N PHE A 277 7.96 20.51 0.77
CA PHE A 277 7.93 19.30 -0.07
C PHE A 277 6.94 19.45 -1.22
N GLY A 278 7.24 18.73 -2.29
CA GLY A 278 6.37 18.52 -3.45
C GLY A 278 6.06 17.04 -3.63
N THR A 279 5.06 16.76 -4.42
CA THR A 279 4.66 15.37 -4.67
C THR A 279 4.45 15.21 -6.16
N ALA A 280 4.55 13.98 -6.65
CA ALA A 280 4.27 13.67 -8.04
C ALA A 280 4.01 12.19 -8.21
N GLN A 281 3.45 11.87 -9.35
CA GLN A 281 3.40 10.49 -9.88
C GLN A 281 4.82 9.89 -9.76
N VAL A 282 4.92 8.60 -9.45
CA VAL A 282 6.26 7.96 -9.41
C VAL A 282 6.88 8.01 -10.80
N PRO A 283 8.12 8.55 -10.94
CA PRO A 283 8.73 8.54 -12.28
C PRO A 283 8.79 7.13 -12.86
N TYR A 284 8.54 7.02 -14.17
CA TYR A 284 8.49 5.70 -14.86
C TYR A 284 9.30 5.73 -16.14
N PRO A 285 9.68 4.56 -16.67
CA PRO A 285 10.66 4.57 -17.75
C PRO A 285 9.94 5.01 -19.02
N SER A 286 10.68 5.69 -19.88
CA SER A 286 10.14 6.03 -21.21
C SER A 286 9.71 4.73 -21.91
N ASP A 287 10.33 3.57 -21.67
CA ASP A 287 9.97 2.27 -22.32
C ASP A 287 8.89 1.53 -21.53
N GLY A 288 8.21 2.18 -20.58
CA GLY A 288 7.36 1.47 -19.63
C GLY A 288 6.03 2.16 -19.41
N GLU A 289 5.49 2.02 -18.20
CA GLU A 289 4.11 2.45 -17.91
C GLU A 289 4.08 2.94 -16.46
N PRO A 290 3.10 3.78 -16.13
CA PRO A 290 2.90 4.22 -14.77
C PRO A 290 2.46 3.01 -13.91
N ALA A 291 2.96 2.96 -12.69
CA ALA A 291 2.51 1.96 -11.70
C ALA A 291 2.82 2.47 -10.32
N THR A 292 2.05 1.98 -9.37
CA THR A 292 2.40 2.08 -7.95
C THR A 292 1.85 0.87 -7.19
N ASN A 293 2.09 0.85 -5.88
CA ASN A 293 1.78 -0.28 -4.99
C ASN A 293 0.73 0.18 -3.97
N LEU A 294 -0.28 -0.63 -3.71
CA LEU A 294 -1.41 -0.32 -2.80
C LEU A 294 -1.16 -0.83 -1.39
N GLY A 295 -1.44 0.04 -0.42
CA GLY A 295 -1.55 -0.34 0.99
C GLY A 295 -2.92 -0.06 1.52
N GLY A 296 -3.08 -0.27 2.80
CA GLY A 296 -4.31 0.14 3.48
C GLY A 296 -5.07 -1.03 4.06
N GLU A 297 -6.23 -0.73 4.65
CA GLU A 297 -6.97 -1.70 5.48
C GLU A 297 -8.09 -2.39 4.70
N GLN A 298 -8.25 -3.67 4.96
CA GLN A 298 -9.27 -4.52 4.33
C GLN A 298 -10.19 -5.03 5.44
N ALA A 299 -11.49 -5.12 5.16
CA ALA A 299 -12.44 -5.70 6.15
C ALA A 299 -12.73 -7.12 5.72
N MET A 300 -12.88 -8.00 6.67
CA MET A 300 -13.14 -9.44 6.52
C MET A 300 -14.26 -9.82 7.51
N VAL A 301 -15.21 -10.64 7.09
CA VAL A 301 -16.32 -11.13 7.96
C VAL A 301 -16.07 -12.60 8.25
N PHE A 302 -15.90 -12.98 9.50
CA PHE A 302 -15.74 -14.39 9.88
C PHE A 302 -17.13 -15.07 9.81
N GLU A 303 -17.23 -16.21 9.14
CA GLU A 303 -18.55 -16.85 8.90
C GLU A 303 -19.13 -17.39 10.19
N ASN A 304 -20.38 -17.03 10.44
CA ASN A 304 -21.26 -17.44 11.56
C ASN A 304 -22.54 -17.98 10.90
N SER A 305 -23.72 -17.45 11.21
CA SER A 305 -24.98 -17.76 10.47
C SER A 305 -25.14 -16.81 9.27
N ASP A 306 -26.01 -17.11 8.30
CA ASP A 306 -26.21 -16.21 7.13
C ASP A 306 -26.78 -14.88 7.65
N ALA A 307 -27.57 -14.88 8.74
CA ALA A 307 -28.15 -13.68 9.37
C ALA A 307 -27.03 -12.82 9.96
N GLU A 308 -26.15 -13.45 10.72
CA GLU A 308 -25.04 -12.71 11.35
C GLU A 308 -24.10 -12.22 10.25
N ASP A 309 -23.73 -13.02 9.25
CA ASP A 309 -22.87 -12.53 8.13
C ASP A 309 -23.56 -11.34 7.47
N ASP A 310 -24.86 -11.42 7.22
CA ASP A 310 -25.58 -10.30 6.57
C ASP A 310 -25.62 -9.07 7.48
N ALA A 311 -25.67 -9.20 8.81
CA ALA A 311 -25.63 -8.02 9.73
C ALA A 311 -24.27 -7.30 9.59
N ALA A 312 -23.20 -8.08 9.59
CA ALA A 312 -21.84 -7.53 9.48
C ALA A 312 -21.71 -6.83 8.14
N ALA A 313 -22.14 -7.51 7.07
CA ALA A 313 -22.01 -6.96 5.71
C ALA A 313 -22.89 -5.71 5.55
N ASP A 314 -23.95 -5.56 6.33
CA ASP A 314 -24.82 -4.36 6.26
C ASP A 314 -24.00 -3.14 6.71
N PHE A 315 -23.24 -3.29 7.77
CA PHE A 315 -22.36 -2.20 8.24
C PHE A 315 -21.28 -1.88 7.18
N LEU A 316 -20.66 -2.92 6.63
CA LEU A 316 -19.59 -2.69 5.61
C LEU A 316 -20.23 -2.04 4.38
N SER A 317 -21.45 -2.45 3.98
CA SER A 317 -22.14 -1.85 2.81
C SER A 317 -22.33 -0.35 3.07
N TRP A 318 -22.77 -0.01 4.29
CA TRP A 318 -23.00 1.42 4.62
C TRP A 318 -21.68 2.19 4.59
N PHE A 319 -20.66 1.58 5.19
CA PHE A 319 -19.31 2.16 5.24
C PHE A 319 -18.79 2.43 3.83
N LEU A 320 -19.22 1.64 2.84
CA LEU A 320 -18.69 1.73 1.45
C LEU A 320 -19.60 2.56 0.54
N GLU A 321 -20.65 3.19 1.07
CA GLU A 321 -21.45 4.11 0.23
C GLU A 321 -20.62 5.37 -0.02
N PRO A 322 -20.81 6.04 -1.17
CA PRO A 322 -19.97 7.18 -1.53
C PRO A 322 -19.89 8.27 -0.44
N ASP A 323 -21.02 8.62 0.15
CA ASP A 323 -21.01 9.70 1.17
C ASP A 323 -20.08 9.34 2.32
N GLN A 324 -20.10 8.08 2.76
CA GLN A 324 -19.23 7.61 3.88
C GLN A 324 -17.78 7.59 3.41
N VAL A 325 -17.52 7.01 2.24
CA VAL A 325 -16.15 6.88 1.72
C VAL A 325 -15.55 8.29 1.54
N THR A 326 -16.34 9.26 1.05
CA THR A 326 -15.81 10.62 0.83
C THR A 326 -15.48 11.23 2.19
N GLU A 327 -16.41 11.20 3.12
CA GLU A 327 -16.15 11.87 4.43
C GLU A 327 -15.01 11.18 5.17
N TRP A 328 -14.99 9.85 5.19
CA TRP A 328 -13.90 9.07 5.83
C TRP A 328 -12.51 9.41 5.24
N SER A 329 -12.39 9.43 3.92
CA SER A 329 -11.13 9.72 3.22
C SER A 329 -10.71 11.16 3.57
N LYS A 330 -11.66 12.09 3.46
CA LYS A 330 -11.32 13.51 3.73
C LYS A 330 -10.72 13.66 5.12
N GLU A 331 -11.33 13.05 6.11
CA GLU A 331 -10.97 13.27 7.52
C GLU A 331 -9.76 12.43 7.92
N THR A 332 -9.44 11.33 7.23
CA THR A 332 -8.27 10.51 7.65
C THR A 332 -7.03 10.79 6.76
N GLY A 333 -7.21 11.40 5.61
CA GLY A 333 -6.13 11.55 4.61
C GLY A 333 -5.84 10.24 3.87
N MET A 334 -6.69 9.25 4.05
CA MET A 334 -6.55 7.97 3.31
C MET A 334 -7.23 8.12 1.97
N LEU A 335 -6.75 7.37 0.98
CA LEU A 335 -7.31 7.48 -0.37
C LEU A 335 -8.62 6.70 -0.45
N PRO A 336 -9.60 7.16 -1.25
CA PRO A 336 -10.87 6.49 -1.30
C PRO A 336 -10.71 5.14 -1.99
N VAL A 337 -11.48 4.17 -1.56
CA VAL A 337 -11.42 2.82 -2.18
C VAL A 337 -12.33 2.70 -3.42
N LEU A 338 -13.25 3.65 -3.62
CA LEU A 338 -14.19 3.66 -4.74
C LEU A 338 -13.58 4.43 -5.90
N ASP A 339 -13.65 3.87 -7.11
CA ASP A 339 -13.20 4.57 -8.32
C ASP A 339 -14.04 5.87 -8.44
N SER A 340 -15.33 5.78 -8.20
CA SER A 340 -16.29 6.87 -8.46
C SER A 340 -15.97 8.06 -7.56
N VAL A 341 -15.37 7.82 -6.42
CA VAL A 341 -15.01 8.94 -5.50
C VAL A 341 -13.65 9.49 -5.92
N ALA A 342 -12.67 8.64 -6.16
CA ALA A 342 -11.30 9.06 -6.57
C ALA A 342 -11.36 9.92 -7.83
N THR A 343 -12.36 9.68 -8.70
CA THR A 343 -12.49 10.42 -9.98
C THR A 343 -13.63 11.42 -9.94
N GLY A 344 -14.30 11.57 -8.83
CA GLY A 344 -15.45 12.49 -8.66
C GLY A 344 -15.02 13.93 -8.42
N SER A 345 -15.72 14.87 -9.08
CA SER A 345 -15.54 16.35 -8.93
C SER A 345 -15.57 16.77 -7.46
N ALA A 346 -16.56 16.31 -6.71
CA ALA A 346 -16.68 16.66 -5.28
C ALA A 346 -15.33 16.46 -4.62
N TYR A 347 -14.82 15.21 -4.65
CA TYR A 347 -13.64 14.82 -3.84
C TYR A 347 -12.43 15.54 -4.39
N LEU A 348 -12.26 15.56 -5.71
CA LEU A 348 -11.09 16.17 -6.38
C LEU A 348 -11.03 17.67 -6.06
N GLU A 349 -12.18 18.34 -5.97
CA GLU A 349 -12.22 19.82 -5.74
C GLU A 349 -11.74 20.11 -4.34
N TRP A 350 -12.24 19.30 -3.43
CA TRP A 350 -11.79 19.28 -2.02
C TRP A 350 -10.30 19.01 -1.91
N VAL A 351 -9.80 18.04 -2.66
CA VAL A 351 -8.34 17.77 -2.57
C VAL A 351 -7.58 19.03 -3.02
N GLU A 352 -8.03 19.66 -4.11
CA GLU A 352 -7.39 20.86 -4.71
C GLU A 352 -7.44 22.03 -3.71
N SER A 353 -8.55 22.19 -2.97
CA SER A 353 -8.76 23.31 -2.03
C SER A 353 -8.03 23.06 -0.71
N THR A 354 -7.87 21.81 -0.29
CA THR A 354 -7.51 21.49 1.09
C THR A 354 -6.15 20.80 1.14
N GLU A 355 -5.84 19.86 0.25
CA GLU A 355 -4.66 18.97 0.44
C GLU A 355 -4.09 18.72 -0.95
N PRO A 356 -3.72 19.75 -1.72
CA PRO A 356 -3.47 19.59 -3.15
C PRO A 356 -2.32 18.60 -3.45
N ARG A 357 -1.39 18.45 -2.53
CA ARG A 357 -0.23 17.52 -2.76
C ARG A 357 -0.71 16.07 -2.68
N LEU A 358 -1.93 15.82 -2.23
CA LEU A 358 -2.47 14.44 -2.27
C LEU A 358 -2.92 14.11 -3.70
N LEU A 359 -3.09 15.08 -4.59
CA LEU A 359 -3.78 14.80 -5.87
C LEU A 359 -3.00 13.73 -6.65
N PRO A 360 -1.65 13.77 -6.77
CA PRO A 360 -0.97 12.76 -7.58
C PRO A 360 -1.26 11.36 -7.04
N TYR A 361 -1.37 11.23 -5.73
CA TYR A 361 -1.64 9.91 -5.09
C TYR A 361 -3.04 9.43 -5.47
N VAL A 362 -3.99 10.37 -5.51
CA VAL A 362 -5.38 10.03 -5.88
C VAL A 362 -5.39 9.55 -7.33
N GLU A 363 -4.71 10.26 -8.22
CA GLU A 363 -4.72 9.97 -9.67
C GLU A 363 -4.03 8.62 -9.89
N GLN A 364 -3.11 8.24 -9.01
CA GLN A 364 -2.37 6.96 -9.21
C GLN A 364 -3.28 5.79 -8.89
N MET A 365 -4.47 5.98 -8.25
CA MET A 365 -5.30 4.81 -7.90
C MET A 365 -5.63 4.03 -9.18
N ALA A 366 -5.70 4.69 -10.33
CA ALA A 366 -6.02 4.07 -11.62
C ALA A 366 -4.90 3.13 -12.08
N ASP A 367 -3.66 3.39 -11.70
CA ASP A 367 -2.50 2.60 -12.16
C ASP A 367 -1.91 1.72 -11.06
N ALA A 368 -2.57 1.61 -9.93
CA ALA A 368 -1.97 0.99 -8.74
C ALA A 368 -2.20 -0.52 -8.82
N HIS A 369 -1.17 -1.25 -8.41
CA HIS A 369 -1.22 -2.71 -8.33
C HIS A 369 -1.32 -3.14 -6.88
N ALA A 370 -1.86 -4.33 -6.64
CA ALA A 370 -1.77 -5.01 -5.33
C ALA A 370 -0.74 -6.14 -5.40
N ARG A 371 -0.05 -6.34 -4.28
CA ARG A 371 0.83 -7.51 -4.01
C ARG A 371 0.03 -8.78 -4.19
N PRO A 372 0.73 -9.90 -4.44
CA PRO A 372 0.03 -11.17 -4.62
C PRO A 372 -0.60 -11.66 -3.32
N ASN A 373 -1.77 -12.29 -3.49
CA ASN A 373 -2.66 -12.68 -2.37
C ASN A 373 -2.33 -14.10 -1.86
N THR A 374 -1.06 -14.45 -1.84
CA THR A 374 -0.62 -15.75 -1.26
C THR A 374 -0.38 -15.58 0.22
N ALA A 375 -0.78 -16.59 1.01
CA ALA A 375 -0.51 -16.67 2.46
C ALA A 375 1.00 -16.81 2.78
N LEU A 376 1.80 -17.16 1.79
CA LEU A 376 3.29 -17.22 1.96
C LEU A 376 3.92 -15.87 1.62
N TYR A 377 3.12 -14.83 1.35
CA TYR A 377 3.74 -13.57 0.86
C TYR A 377 4.81 -13.04 1.83
N PRO A 378 4.61 -13.00 3.19
CA PRO A 378 5.63 -12.45 4.07
C PRO A 378 6.96 -13.21 3.93
N THR A 379 6.92 -14.53 3.84
CA THR A 379 8.15 -15.34 3.66
C THR A 379 8.79 -15.06 2.29
N VAL A 380 7.95 -14.97 1.27
CA VAL A 380 8.39 -14.62 -0.10
C VAL A 380 9.11 -13.27 -0.06
N SER A 381 8.49 -12.28 0.56
CA SER A 381 9.01 -10.90 0.50
C SER A 381 10.36 -10.81 1.21
N LEU A 382 10.53 -11.47 2.37
CA LEU A 382 11.84 -11.49 3.05
C LEU A 382 12.87 -12.24 2.22
N ALA A 383 12.52 -13.39 1.63
CA ALA A 383 13.47 -14.19 0.83
C ALA A 383 13.94 -13.32 -0.35
N PHE A 384 12.99 -12.63 -0.96
CA PHE A 384 13.24 -11.76 -2.12
C PHE A 384 14.17 -10.65 -1.69
N ALA A 385 13.80 -9.90 -0.65
CA ALA A 385 14.51 -8.69 -0.22
C ALA A 385 15.96 -9.03 0.14
N GLN A 386 16.18 -10.17 0.83
CA GLN A 386 17.56 -10.53 1.27
C GLN A 386 18.45 -10.79 0.05
N GLU A 387 17.92 -11.36 -1.01
CA GLU A 387 18.75 -11.68 -2.18
C GLU A 387 18.98 -10.38 -2.94
N ILE A 388 17.94 -9.57 -3.09
CA ILE A 388 18.10 -8.35 -3.93
C ILE A 388 19.09 -7.44 -3.21
N GLU A 389 19.06 -7.36 -1.91
CA GLU A 389 19.92 -6.44 -1.14
C GLU A 389 21.41 -6.72 -1.44
N LYS A 390 21.74 -7.96 -1.77
CA LYS A 390 23.15 -8.30 -2.06
C LYS A 390 23.60 -7.49 -3.29
N ALA A 391 22.75 -7.29 -4.29
CA ALA A 391 23.12 -6.45 -5.46
C ALA A 391 23.19 -4.98 -5.01
N LEU A 392 22.28 -4.51 -4.19
CA LEU A 392 22.28 -3.10 -3.73
C LEU A 392 23.56 -2.83 -2.93
N ALA A 393 24.06 -3.86 -2.23
CA ALA A 393 25.21 -3.72 -1.32
C ALA A 393 26.52 -3.83 -2.11
N GLY A 394 26.47 -4.16 -3.41
CA GLY A 394 27.64 -4.35 -4.27
C GLY A 394 28.24 -5.75 -4.18
N GLU A 395 27.57 -6.69 -3.52
CA GLU A 395 28.10 -8.05 -3.25
C GLU A 395 27.63 -9.05 -4.31
N ALA A 396 26.73 -8.67 -5.21
CA ALA A 396 26.30 -9.54 -6.32
C ALA A 396 25.99 -8.71 -7.55
N SER A 397 26.04 -9.33 -8.71
CA SER A 397 25.61 -8.68 -9.98
C SER A 397 24.08 -8.64 -10.02
N VAL A 398 23.55 -7.73 -10.81
CA VAL A 398 22.08 -7.68 -11.08
C VAL A 398 21.60 -9.08 -11.53
N ASP A 399 22.26 -9.68 -12.51
CA ASP A 399 21.81 -11.00 -13.05
C ASP A 399 21.88 -12.09 -11.97
N ASP A 400 22.94 -12.11 -11.15
CA ASP A 400 23.09 -13.17 -10.12
C ASP A 400 22.09 -12.95 -8.99
N ALA A 401 21.75 -11.69 -8.67
CA ALA A 401 20.82 -11.41 -7.55
C ALA A 401 19.42 -11.79 -8.04
N LEU A 402 19.05 -11.55 -9.29
CA LEU A 402 17.69 -11.92 -9.74
C LEU A 402 17.55 -13.44 -9.81
N ASP A 403 18.60 -14.12 -10.26
CA ASP A 403 18.62 -15.59 -10.24
C ASP A 403 18.48 -16.09 -8.79
N ALA A 404 19.23 -15.55 -7.86
CA ALA A 404 19.21 -15.98 -6.44
C ALA A 404 17.84 -15.67 -5.85
N ALA A 405 17.29 -14.48 -6.12
CA ALA A 405 15.97 -14.11 -5.61
C ALA A 405 14.90 -15.05 -6.14
N GLU A 406 14.95 -15.43 -7.40
CA GLU A 406 13.98 -16.39 -8.01
C GLU A 406 14.06 -17.77 -7.33
N GLN A 407 15.29 -18.26 -7.13
CA GLN A 407 15.54 -19.51 -6.37
C GLN A 407 14.94 -19.47 -4.99
N ALA A 408 15.20 -18.42 -4.21
CA ALA A 408 14.78 -18.29 -2.81
C ALA A 408 13.25 -18.28 -2.82
N VAL A 409 12.66 -17.42 -3.65
CA VAL A 409 11.18 -17.25 -3.69
C VAL A 409 10.51 -18.57 -4.11
N ASN A 410 11.04 -19.22 -5.14
CA ASN A 410 10.41 -20.47 -5.65
C ASN A 410 10.50 -21.54 -4.57
N ALA A 411 11.56 -21.54 -3.74
CA ALA A 411 11.75 -22.61 -2.74
C ALA A 411 10.67 -22.41 -1.69
N VAL A 412 10.38 -21.16 -1.36
CA VAL A 412 9.37 -20.75 -0.35
C VAL A 412 7.99 -21.10 -0.90
N LEU A 413 7.70 -20.79 -2.15
CA LEU A 413 6.36 -21.05 -2.74
C LEU A 413 6.10 -22.53 -2.99
N LYS A 414 7.08 -23.25 -3.51
CA LYS A 414 6.85 -24.63 -4.03
C LYS A 414 6.64 -25.48 -2.78
N ASN A 415 7.47 -25.28 -1.77
CA ASN A 415 7.64 -26.27 -0.69
C ASN A 415 6.67 -25.94 0.46
N GLY A 416 5.98 -24.79 0.39
CA GLY A 416 4.89 -24.44 1.34
C GLY A 416 5.44 -24.14 2.71
C1 GLC B . 2.20 3.75 8.91
C2 GLC B . 1.09 4.02 7.89
C3 GLC B . 0.71 2.72 7.17
C4 GLC B . 1.92 2.00 6.61
C5 GLC B . 2.95 1.77 7.71
C6 GLC B . 4.22 1.13 7.24
O1 GLC B . 1.82 2.99 10.09
O2 GLC B . -0.10 4.70 8.40
O3 GLC B . -0.20 3.03 6.14
O4 GLC B . 1.61 0.70 6.02
O5 GLC B . 3.28 3.06 8.27
O6 GLC B . 5.25 1.15 8.29
C1 GLC B . 1.82 0.77 4.59
C2 GLC B . 0.75 -0.01 3.90
C3 GLC B . 1.01 -1.49 4.01
C4 GLC B . 2.44 -1.76 3.49
C5 GLC B . 3.45 -0.99 4.34
C6 GLC B . 4.87 -1.22 3.82
O2 GLC B . -0.50 0.45 4.38
O3 GLC B . 0.01 -2.20 3.28
O4 GLC B . 2.78 -3.14 3.59
O5 GLC B . 3.17 0.38 4.19
O6 GLC B . 5.77 -0.90 4.88
C1 GLC B . 7.17 -0.88 4.42
C2 GLC B . 8.13 -0.99 5.61
C3 GLC B . 7.88 0.20 6.54
C4 GLC B . 8.07 1.53 5.80
C5 GLC B . 7.35 1.56 4.42
C6 GLC B . 8.00 2.55 3.49
O2 GLC B . 7.89 -2.23 6.31
O3 GLC B . 8.76 0.15 7.67
O4 GLC B . 7.58 2.58 6.65
O5 GLC B . 7.48 0.30 3.69
O6 GLC B . 7.08 2.80 2.43
#